data_6A4R
#
_entry.id   6A4R
#
_cell.length_a   67.155
_cell.length_b   42.889
_cell.length_c   89.290
_cell.angle_alpha   90.00
_cell.angle_beta   107.02
_cell.angle_gamma   90.00
#
_symmetry.space_group_name_H-M   'P 1 21 1'
#
loop_
_entity.id
_entity.type
_entity.pdbx_description
1 polymer 'Peptidase E'
2 non-polymer 'ASPARTIC ACID'
3 water water
#
_entity_poly.entity_id   1
_entity_poly.type   'polypeptide(L)'
_entity_poly.pdbx_seq_one_letter_code
;MASWSHPQFEKGSSHHHHHHSSGSGGGGGENLYFQGSELLLLSNSTLPGKAWLEHALPLIANQLNGRRSAVFIPFAGVTQ
TWDEYTDKTAEVLAPLGVNVTGIHRVADPLAAIEKAEIIIVGGGNTFQLLKESRERGLLAPMADRVKRGALYIGWSAGAN
LACPTIRTTNDMPIVDPNGFDALDLFPLQINPHFTNALPEGHKGETREQRIRELLVVAPELTVIGLPEGNWIQVSNGQAV
LGGPNTTWVFKAGEEAVALEAGHRF
;
_entity_poly.pdbx_strand_id   A,B
#
# COMPACT_ATOMS: atom_id res chain seq x y z
N ASN A 31 19.58 -8.10 19.48
CA ASN A 31 20.48 -9.07 18.87
C ASN A 31 21.05 -8.58 17.53
N LEU A 32 20.81 -7.31 17.19
CA LEU A 32 21.56 -6.71 16.10
C LEU A 32 23.02 -6.59 16.49
N TYR A 33 23.91 -6.87 15.55
CA TYR A 33 25.31 -6.58 15.79
C TYR A 33 25.56 -5.08 15.65
N PHE A 34 26.79 -4.67 15.99
CA PHE A 34 27.19 -3.27 15.92
C PHE A 34 26.77 -2.65 14.60
N GLN A 35 26.02 -1.55 14.68
CA GLN A 35 25.55 -0.81 13.51
C GLN A 35 26.45 0.40 13.30
N GLY A 36 27.08 0.49 12.14
CA GLY A 36 28.05 1.56 11.99
C GLY A 36 27.54 2.84 11.36
N SER A 37 26.24 2.96 11.11
CA SER A 37 25.68 4.16 10.52
C SER A 37 25.07 5.05 11.59
N GLU A 38 24.94 6.34 11.28
CA GLU A 38 24.27 7.30 12.15
C GLU A 38 22.94 7.63 11.49
N LEU A 39 21.85 7.13 12.09
CA LEU A 39 20.52 7.31 11.54
C LEU A 39 19.58 7.88 12.60
N LEU A 40 18.66 8.71 12.14
CA LEU A 40 17.51 9.14 12.92
C LEU A 40 16.28 8.83 12.07
N LEU A 41 15.49 7.84 12.51
CA LEU A 41 14.35 7.36 11.74
C LEU A 41 13.08 7.66 12.52
N LEU A 42 12.32 8.64 12.06
CA LEU A 42 11.12 9.09 12.76
C LEU A 42 9.88 8.46 12.15
N SER A 43 8.92 8.12 13.01
CA SER A 43 7.67 7.55 12.50
C SER A 43 6.85 8.58 11.74
N ASN A 44 6.87 9.82 12.18
CA ASN A 44 5.99 10.85 11.61
C ASN A 44 6.58 12.22 11.92
N SER A 45 6.02 13.23 11.25
CA SER A 45 6.56 14.59 11.30
C SER A 45 6.01 15.39 12.48
N THR A 46 4.74 15.20 12.85
CA THR A 46 4.05 16.17 13.69
C THR A 46 3.28 15.48 14.81
N LEU A 47 3.60 15.84 16.05
CA LEU A 47 2.86 15.40 17.22
C LEU A 47 1.59 16.23 17.40
N PRO A 48 0.56 15.67 18.03
CA PRO A 48 -0.64 16.46 18.30
C PRO A 48 -0.29 17.68 19.13
N GLY A 49 -0.78 18.85 18.69
CA GLY A 49 -0.53 20.08 19.41
C GLY A 49 0.88 20.62 19.29
N LYS A 50 1.70 20.10 18.38
CA LYS A 50 3.05 20.58 18.19
C LYS A 50 3.23 21.05 16.75
N ALA A 51 4.30 21.80 16.52
CA ALA A 51 4.62 22.26 15.17
C ALA A 51 5.27 21.13 14.37
N TRP A 52 5.26 21.29 13.06
CA TRP A 52 5.85 20.32 12.16
C TRP A 52 7.33 20.11 12.50
N LEU A 53 7.68 18.87 12.80
CA LEU A 53 9.04 18.43 13.15
C LEU A 53 9.51 18.98 14.49
N GLU A 54 8.62 19.60 15.28
CA GLU A 54 9.06 20.17 16.56
C GLU A 54 9.71 19.12 17.44
N HIS A 55 9.11 17.92 17.53
CA HIS A 55 9.66 16.90 18.40
C HIS A 55 11.00 16.35 17.89
N ALA A 56 11.29 16.52 16.60
CA ALA A 56 12.55 16.04 16.04
C ALA A 56 13.73 16.97 16.33
N LEU A 57 13.48 18.25 16.56
CA LEU A 57 14.59 19.20 16.64
C LEU A 57 15.62 18.83 17.71
N PRO A 58 15.24 18.52 18.95
CA PRO A 58 16.26 18.14 19.93
C PRO A 58 16.99 16.85 19.56
N LEU A 59 16.29 15.90 18.94
CA LEU A 59 16.94 14.66 18.51
C LEU A 59 17.98 14.95 17.43
N ILE A 60 17.62 15.76 16.44
CA ILE A 60 18.57 16.14 15.41
C ILE A 60 19.74 16.90 16.02
N ALA A 61 19.43 17.92 16.82
CA ALA A 61 20.49 18.76 17.38
C ALA A 61 21.50 17.93 18.16
N ASN A 62 21.02 16.99 18.97
CA ASN A 62 21.93 16.18 19.78
C ASN A 62 22.69 15.13 18.98
N GLN A 63 22.29 14.85 17.75
CA GLN A 63 22.99 13.88 16.91
C GLN A 63 23.86 14.53 15.84
N LEU A 64 23.74 15.84 15.62
CA LEU A 64 24.51 16.48 14.55
C LEU A 64 26.00 16.26 14.72
N ASN A 65 26.51 16.38 15.95
CA ASN A 65 27.92 16.13 16.22
C ASN A 65 28.81 17.05 15.39
N GLY A 66 28.41 18.31 15.26
CA GLY A 66 29.17 19.30 14.53
C GLY A 66 28.85 19.41 13.05
N ARG A 67 28.02 18.51 12.51
CA ARG A 67 27.64 18.57 11.11
C ARG A 67 26.74 19.77 10.85
N ARG A 68 26.88 20.35 9.65
CA ARG A 68 26.06 21.51 9.30
C ARG A 68 25.45 21.41 7.90
N SER A 69 26.14 20.74 6.97
CA SER A 69 25.76 20.75 5.56
C SER A 69 24.83 19.58 5.24
N ALA A 70 23.59 19.88 4.85
CA ALA A 70 22.58 18.87 4.58
C ALA A 70 22.05 18.99 3.16
N VAL A 71 21.79 17.85 2.53
CA VAL A 71 21.05 17.78 1.27
C VAL A 71 19.71 17.15 1.56
N PHE A 72 18.65 17.73 1.03
CA PHE A 72 17.29 17.28 1.25
C PHE A 72 16.78 16.54 0.02
N ILE A 73 16.20 15.37 0.26
CA ILE A 73 15.60 14.51 -0.76
C ILE A 73 14.09 14.71 -0.70
N PRO A 74 13.50 15.48 -1.60
CA PRO A 74 12.09 15.87 -1.46
C PRO A 74 11.09 15.00 -2.20
N PHE A 75 11.54 13.93 -2.86
CA PHE A 75 10.75 13.27 -3.89
C PHE A 75 9.50 12.58 -3.35
N ALA A 76 9.41 12.36 -2.03
CA ALA A 76 8.17 11.82 -1.49
C ALA A 76 7.01 12.82 -1.61
N GLY A 77 7.32 14.11 -1.70
CA GLY A 77 6.27 15.12 -1.72
C GLY A 77 5.50 15.09 -3.04
N VAL A 78 4.17 15.11 -2.95
CA VAL A 78 3.29 15.06 -4.12
C VAL A 78 2.47 16.34 -4.24
N THR A 79 1.81 16.75 -3.15
CA THR A 79 0.84 17.84 -3.23
C THR A 79 1.45 19.22 -3.10
N GLN A 80 2.72 19.34 -2.70
CA GLN A 80 3.41 20.61 -2.75
C GLN A 80 4.68 20.45 -3.58
N THR A 81 5.18 21.57 -4.10
CA THR A 81 6.37 21.50 -4.94
C THR A 81 7.59 21.11 -4.10
N TRP A 82 8.56 20.48 -4.75
CA TRP A 82 9.80 20.14 -4.06
C TRP A 82 10.53 21.39 -3.60
N ASP A 83 10.40 22.51 -4.34
CA ASP A 83 10.97 23.76 -3.88
C ASP A 83 10.35 24.21 -2.56
N GLU A 84 9.01 24.20 -2.48
CA GLU A 84 8.34 24.57 -1.24
C GLU A 84 8.72 23.62 -0.11
N TYR A 85 8.77 22.32 -0.40
CA TYR A 85 9.16 21.35 0.62
C TYR A 85 10.57 21.62 1.14
N THR A 86 11.50 21.89 0.22
CA THR A 86 12.88 22.17 0.62
C THR A 86 12.96 23.44 1.46
N ASP A 87 12.30 24.51 1.00
CA ASP A 87 12.33 25.77 1.77
C ASP A 87 11.74 25.58 3.16
N LYS A 88 10.68 24.78 3.28
CA LYS A 88 10.10 24.50 4.58
C LYS A 88 11.09 23.76 5.47
N THR A 89 11.76 22.75 4.92
CA THR A 89 12.77 22.01 5.69
C THR A 89 13.95 22.91 6.05
N ALA A 90 14.40 23.73 5.10
CA ALA A 90 15.51 24.65 5.40
C ALA A 90 15.15 25.60 6.52
N GLU A 91 13.92 26.12 6.52
CA GLU A 91 13.52 27.09 7.53
C GLU A 91 13.49 26.46 8.91
N VAL A 92 12.86 25.29 9.04
CA VAL A 92 12.72 24.68 10.36
C VAL A 92 14.05 24.23 10.93
N LEU A 93 15.01 23.88 10.07
CA LEU A 93 16.31 23.40 10.54
C LEU A 93 17.36 24.50 10.66
N ALA A 94 17.10 25.69 10.11
CA ALA A 94 18.11 26.74 10.18
C ALA A 94 18.48 27.08 11.62
N PRO A 95 17.55 27.16 12.57
CA PRO A 95 17.93 27.46 13.96
C PRO A 95 18.86 26.45 14.59
N LEU A 96 18.94 25.23 14.04
CA LEU A 96 19.91 24.25 14.54
C LEU A 96 21.29 24.44 13.94
N GLY A 97 21.45 25.41 13.03
CA GLY A 97 22.71 25.59 12.33
C GLY A 97 22.89 24.74 11.10
N VAL A 98 21.84 24.05 10.65
CA VAL A 98 21.92 23.16 9.49
C VAL A 98 21.57 23.95 8.23
N ASN A 99 22.41 23.82 7.20
CA ASN A 99 22.17 24.44 5.90
C ASN A 99 21.65 23.39 4.94
N VAL A 100 20.48 23.63 4.36
CA VAL A 100 19.76 22.65 3.56
C VAL A 100 19.76 23.08 2.11
N THR A 101 20.12 22.15 1.23
CA THR A 101 20.00 22.33 -0.22
C THR A 101 19.19 21.17 -0.79
N GLY A 102 18.25 21.48 -1.68
CA GLY A 102 17.42 20.45 -2.28
C GLY A 102 18.13 19.75 -3.42
N ILE A 103 18.18 18.41 -3.36
CA ILE A 103 18.94 17.65 -4.35
C ILE A 103 18.40 17.84 -5.76
N HIS A 104 17.12 18.22 -5.89
CA HIS A 104 16.52 18.39 -7.20
C HIS A 104 16.99 19.64 -7.92
N ARG A 105 17.64 20.58 -7.25
CA ARG A 105 18.04 21.83 -7.90
C ARG A 105 19.53 22.09 -7.83
N VAL A 106 20.33 21.13 -7.37
CA VAL A 106 21.78 21.26 -7.46
C VAL A 106 22.24 20.93 -8.87
N ALA A 107 23.40 21.47 -9.25
CA ALA A 107 23.95 21.19 -10.57
C ALA A 107 24.37 19.74 -10.71
N ASP A 108 24.98 19.17 -9.67
CA ASP A 108 25.59 17.85 -9.71
C ASP A 108 25.11 17.04 -8.51
N PRO A 109 24.02 16.28 -8.65
CA PRO A 109 23.50 15.59 -7.46
C PRO A 109 24.47 14.58 -6.87
N LEU A 110 25.27 13.91 -7.69
CA LEU A 110 26.24 12.96 -7.15
C LEU A 110 27.31 13.68 -6.34
N ALA A 111 27.82 14.81 -6.83
CA ALA A 111 28.78 15.59 -6.07
C ALA A 111 28.16 16.17 -4.80
N ALA A 112 26.88 16.56 -4.86
CA ALA A 112 26.22 17.11 -3.68
C ALA A 112 26.11 16.07 -2.58
N ILE A 113 25.72 14.83 -2.94
CA ILE A 113 25.64 13.77 -1.95
C ILE A 113 27.02 13.44 -1.40
N GLU A 114 28.03 13.37 -2.28
CA GLU A 114 29.38 13.04 -1.82
C GLU A 114 29.87 14.03 -0.78
N LYS A 115 29.58 15.32 -0.98
CA LYS A 115 30.06 16.37 -0.09
C LYS A 115 29.14 16.65 1.09
N ALA A 116 27.92 16.08 1.09
CA ALA A 116 26.98 16.36 2.17
C ALA A 116 27.43 15.70 3.46
N GLU A 117 27.19 16.39 4.57
CA GLU A 117 27.37 15.78 5.89
C GLU A 117 26.11 15.11 6.39
N ILE A 118 24.94 15.56 5.90
CA ILE A 118 23.65 15.09 6.36
C ILE A 118 22.77 14.84 5.15
N ILE A 119 22.06 13.71 5.15
CA ILE A 119 21.08 13.39 4.13
C ILE A 119 19.73 13.34 4.82
N ILE A 120 18.80 14.16 4.36
CA ILE A 120 17.48 14.31 4.98
C ILE A 120 16.44 13.89 3.97
N VAL A 121 15.60 12.93 4.33
CA VAL A 121 14.61 12.39 3.42
C VAL A 121 13.23 12.61 4.03
N GLY A 122 12.42 13.44 3.36
CA GLY A 122 11.14 13.84 3.93
C GLY A 122 10.03 12.82 3.67
N GLY A 123 8.94 12.99 4.43
CA GLY A 123 7.77 12.15 4.28
C GLY A 123 6.94 12.49 3.05
N GLY A 124 5.99 11.63 2.76
CA GLY A 124 5.15 11.77 1.58
C GLY A 124 4.78 10.39 1.07
N ASN A 125 4.69 10.26 -0.25
CA ASN A 125 4.39 8.95 -0.83
C ASN A 125 5.69 8.18 -1.00
N THR A 126 5.78 7.01 -0.36
CA THR A 126 7.01 6.22 -0.38
C THR A 126 7.32 5.68 -1.78
N PHE A 127 6.29 5.35 -2.56
CA PHE A 127 6.53 4.83 -3.90
C PHE A 127 7.16 5.89 -4.79
N GLN A 128 6.65 7.13 -4.76
CA GLN A 128 7.26 8.17 -5.58
C GLN A 128 8.67 8.49 -5.10
N LEU A 129 8.89 8.47 -3.78
CA LEU A 129 10.23 8.71 -3.26
C LEU A 129 11.22 7.72 -3.82
N LEU A 130 10.87 6.43 -3.77
CA LEU A 130 11.78 5.39 -4.26
C LEU A 130 11.95 5.47 -5.78
N LYS A 131 10.85 5.74 -6.49
CA LYS A 131 10.92 5.79 -7.95
C LYS A 131 11.86 6.89 -8.43
N GLU A 132 11.71 8.10 -7.88
CA GLU A 132 12.59 9.20 -8.27
C GLU A 132 14.03 8.92 -7.87
N SER A 133 14.23 8.39 -6.65
CA SER A 133 15.58 8.10 -6.18
C SER A 133 16.28 7.10 -7.09
N ARG A 134 15.56 6.06 -7.51
CA ARG A 134 16.15 5.07 -8.40
C ARG A 134 16.35 5.64 -9.80
N GLU A 135 15.33 6.31 -10.35
CA GLU A 135 15.45 6.84 -11.70
C GLU A 135 16.62 7.81 -11.81
N ARG A 136 16.88 8.57 -10.75
CA ARG A 136 17.94 9.56 -10.74
C ARG A 136 19.30 8.97 -10.34
N GLY A 137 19.37 7.67 -10.08
CA GLY A 137 20.62 7.03 -9.71
C GLY A 137 21.18 7.47 -8.38
N LEU A 138 20.31 7.86 -7.45
CA LEU A 138 20.74 8.38 -6.15
C LEU A 138 20.75 7.34 -5.05
N LEU A 139 20.14 6.18 -5.27
CA LEU A 139 19.99 5.20 -4.21
C LEU A 139 21.35 4.75 -3.67
N ALA A 140 22.19 4.20 -4.53
CA ALA A 140 23.51 3.76 -4.08
C ALA A 140 24.37 4.91 -3.58
N PRO A 141 24.44 6.07 -4.24
CA PRO A 141 25.23 7.16 -3.68
C PRO A 141 24.75 7.58 -2.29
N MET A 142 23.45 7.64 -2.06
CA MET A 142 22.97 8.01 -0.74
C MET A 142 23.40 6.97 0.29
N ALA A 143 23.19 5.69 0.00
CA ALA A 143 23.57 4.64 0.94
C ALA A 143 25.06 4.65 1.21
N ASP A 144 25.88 4.80 0.16
CA ASP A 144 27.32 4.80 0.34
C ASP A 144 27.79 5.99 1.16
N ARG A 145 27.20 7.17 0.94
CA ARG A 145 27.61 8.35 1.70
C ARG A 145 27.30 8.16 3.18
N VAL A 146 26.13 7.61 3.50
CA VAL A 146 25.81 7.36 4.90
C VAL A 146 26.75 6.32 5.48
N LYS A 147 27.04 5.25 4.73
CA LYS A 147 27.99 4.27 5.20
C LYS A 147 29.38 4.86 5.41
N ARG A 148 29.69 5.97 4.75
CA ARG A 148 30.96 6.66 4.92
C ARG A 148 30.92 7.73 6.00
N GLY A 149 29.87 7.74 6.84
CA GLY A 149 29.85 8.59 8.02
C GLY A 149 28.83 9.71 8.01
N ALA A 150 28.09 9.92 6.93
CA ALA A 150 27.09 10.97 6.93
C ALA A 150 25.92 10.60 7.84
N LEU A 151 25.32 11.62 8.46
CA LEU A 151 24.11 11.44 9.24
C LEU A 151 22.90 11.36 8.32
N TYR A 152 22.05 10.36 8.54
CA TYR A 152 20.83 10.18 7.78
C TYR A 152 19.64 10.51 8.68
N ILE A 153 18.79 11.43 8.23
CA ILE A 153 17.55 11.78 8.92
C ILE A 153 16.39 11.49 7.97
N GLY A 154 15.46 10.66 8.43
CA GLY A 154 14.27 10.42 7.63
C GLY A 154 13.04 10.29 8.50
N TRP A 155 11.91 10.83 8.06
CA TRP A 155 10.66 10.65 8.78
C TRP A 155 9.63 10.03 7.84
N SER A 156 8.85 9.11 8.39
CA SER A 156 7.78 8.46 7.64
C SER A 156 8.30 7.79 6.38
N ALA A 157 7.95 8.30 5.21
CA ALA A 157 8.47 7.69 3.98
C ALA A 157 10.00 7.64 4.02
N GLY A 158 10.62 8.65 4.62
CA GLY A 158 12.07 8.64 4.77
C GLY A 158 12.57 7.56 5.71
N ALA A 159 11.74 7.16 6.67
CA ALA A 159 12.11 6.01 7.50
C ALA A 159 11.97 4.70 6.72
N ASN A 160 10.90 4.57 5.92
CA ASN A 160 10.76 3.40 5.07
C ASN A 160 11.99 3.23 4.17
N LEU A 161 12.44 4.33 3.58
CA LEU A 161 13.50 4.26 2.58
C LEU A 161 14.81 3.75 3.18
N ALA A 162 15.02 3.94 4.49
CA ALA A 162 16.23 3.48 5.13
C ALA A 162 16.30 1.96 5.26
N CYS A 163 15.15 1.28 5.20
CA CYS A 163 15.09 -0.16 5.41
C CYS A 163 15.58 -0.91 4.18
N PRO A 164 15.66 -2.24 4.26
CA PRO A 164 16.08 -3.01 3.06
C PRO A 164 15.10 -2.90 1.92
N THR A 165 13.81 -2.79 2.21
CA THR A 165 12.78 -2.62 1.20
C THR A 165 11.70 -1.71 1.76
N ILE A 166 10.79 -1.28 0.88
CA ILE A 166 9.65 -0.48 1.29
C ILE A 166 8.41 -1.35 1.50
N ARG A 167 8.60 -2.64 1.73
CA ARG A 167 7.46 -3.55 1.77
C ARG A 167 6.53 -3.31 2.96
N THR A 168 6.92 -2.48 3.93
CA THR A 168 6.04 -2.16 5.05
C THR A 168 5.54 -0.71 5.05
N THR A 169 5.60 -0.03 3.91
CA THR A 169 4.95 1.27 3.84
C THR A 169 3.43 1.09 3.92
N ASN A 170 2.75 2.11 4.41
CA ASN A 170 1.29 2.13 4.39
C ASN A 170 0.73 2.89 3.20
N ASP A 171 1.59 3.30 2.27
CA ASP A 171 1.18 4.20 1.21
C ASP A 171 0.53 3.45 0.06
N MET A 172 -0.23 4.19 -0.73
CA MET A 172 -0.92 3.73 -1.92
C MET A 172 0.05 3.68 -3.10
N PRO A 173 0.00 2.63 -3.92
CA PRO A 173 1.01 2.47 -5.01
C PRO A 173 0.69 3.36 -6.22
N ILE A 174 0.85 4.68 -6.05
CA ILE A 174 0.42 5.60 -7.09
C ILE A 174 1.38 5.66 -8.28
N VAL A 175 2.65 5.27 -8.08
CA VAL A 175 3.60 5.14 -9.17
C VAL A 175 4.41 3.87 -8.92
N ASP A 176 4.93 3.29 -10.00
CA ASP A 176 5.68 2.05 -9.92
C ASP A 176 7.16 2.36 -9.71
N PRO A 177 7.77 2.00 -8.59
CA PRO A 177 9.17 2.36 -8.33
C PRO A 177 10.19 1.46 -9.01
N ASN A 178 9.75 0.47 -9.80
CA ASN A 178 10.67 -0.45 -10.48
C ASN A 178 11.53 -1.19 -9.47
N GLY A 179 10.86 -1.86 -8.54
CA GLY A 179 11.52 -2.59 -7.48
C GLY A 179 11.26 -1.97 -6.12
N PHE A 180 11.16 -2.83 -5.10
CA PHE A 180 10.88 -2.39 -3.74
C PHE A 180 12.14 -2.35 -2.87
N ASP A 181 13.30 -2.69 -3.42
CA ASP A 181 14.54 -2.55 -2.66
C ASP A 181 14.85 -1.08 -2.43
N ALA A 182 15.41 -0.79 -1.25
CA ALA A 182 15.62 0.60 -0.82
C ALA A 182 17.06 0.80 -0.39
N LEU A 183 17.30 1.65 0.61
CA LEU A 183 18.67 2.03 0.97
C LEU A 183 19.40 0.93 1.74
N ASP A 184 18.69 0.10 2.49
CA ASP A 184 19.33 -0.98 3.25
C ASP A 184 20.31 -0.44 4.29
N LEU A 185 20.01 0.73 4.84
CA LEU A 185 20.85 1.30 5.89
C LEU A 185 20.46 0.77 7.28
N PHE A 186 19.18 0.44 7.46
CA PHE A 186 18.65 -0.14 8.68
C PHE A 186 18.15 -1.54 8.36
N PRO A 187 18.59 -2.58 9.09
CA PRO A 187 18.35 -3.96 8.63
C PRO A 187 16.94 -4.49 8.84
N LEU A 188 16.14 -3.90 9.71
CA LEU A 188 14.80 -4.39 9.98
C LEU A 188 13.77 -3.56 9.21
N GLN A 189 12.56 -4.09 9.09
CA GLN A 189 11.48 -3.38 8.42
C GLN A 189 10.71 -2.53 9.40
N ILE A 190 10.54 -1.24 9.08
CA ILE A 190 9.76 -0.32 9.90
C ILE A 190 8.40 -0.15 9.25
N ASN A 191 7.35 -0.33 10.04
CA ASN A 191 6.01 0.06 9.63
C ASN A 191 5.67 1.35 10.38
N PRO A 192 5.76 2.52 9.74
CA PRO A 192 5.52 3.77 10.46
C PRO A 192 4.04 4.02 10.69
N HIS A 193 3.75 5.09 11.44
CA HIS A 193 2.38 5.46 11.79
C HIS A 193 1.62 4.27 12.35
N PHE A 194 2.29 3.44 13.14
CA PHE A 194 1.67 2.17 13.49
C PHE A 194 0.51 2.36 14.45
N THR A 195 -0.63 1.79 14.07
CA THR A 195 -1.78 1.61 14.96
C THR A 195 -2.56 0.41 14.46
N ASN A 196 -3.08 -0.39 15.38
CA ASN A 196 -3.92 -1.51 14.99
C ASN A 196 -5.40 -1.17 15.00
N ALA A 197 -5.76 0.06 15.36
CA ALA A 197 -7.14 0.47 15.40
C ALA A 197 -7.71 0.66 14.00
N LEU A 198 -9.01 0.47 13.87
CA LEU A 198 -9.73 0.67 12.64
C LEU A 198 -10.94 1.56 12.91
N PRO A 199 -11.47 2.23 11.87
CA PRO A 199 -12.72 2.97 12.04
C PRO A 199 -13.84 2.04 12.46
N GLU A 200 -14.80 2.60 13.19
CA GLU A 200 -15.91 1.83 13.71
C GLU A 200 -16.54 0.96 12.62
N GLY A 201 -16.59 -0.35 12.87
CA GLY A 201 -17.26 -1.27 11.98
C GLY A 201 -16.51 -1.64 10.72
N HIS A 202 -15.27 -1.19 10.56
CA HIS A 202 -14.53 -1.49 9.34
C HIS A 202 -14.19 -2.97 9.26
N LYS A 203 -14.39 -3.57 8.10
CA LYS A 203 -14.09 -4.98 7.89
C LYS A 203 -12.82 -5.20 7.11
N GLY A 204 -12.09 -4.15 6.76
CA GLY A 204 -10.81 -4.30 6.10
C GLY A 204 -9.76 -4.84 7.05
N GLU A 205 -8.61 -5.16 6.47
CA GLU A 205 -7.52 -5.75 7.25
C GLU A 205 -7.04 -4.79 8.33
N THR A 206 -6.74 -5.33 9.50
CA THR A 206 -6.00 -4.55 10.49
C THR A 206 -4.54 -4.45 10.06
N ARG A 207 -3.83 -3.48 10.64
CA ARG A 207 -2.41 -3.33 10.33
C ARG A 207 -1.63 -4.60 10.64
N GLU A 208 -1.93 -5.23 11.78
CA GLU A 208 -1.25 -6.47 12.13
C GLU A 208 -1.55 -7.57 11.12
N GLN A 209 -2.79 -7.63 10.62
CA GLN A 209 -3.11 -8.63 9.61
C GLN A 209 -2.33 -8.40 8.34
N ARG A 210 -2.19 -7.14 7.92
CA ARG A 210 -1.36 -6.84 6.75
C ARG A 210 0.08 -7.25 6.99
N ILE A 211 0.60 -6.98 8.20
CA ILE A 211 1.97 -7.35 8.53
C ILE A 211 2.12 -8.88 8.56
N ARG A 212 1.12 -9.57 9.11
CA ARG A 212 1.20 -11.03 9.17
C ARG A 212 1.25 -11.65 7.78
N GLU A 213 0.58 -11.04 6.80
CA GLU A 213 0.68 -11.54 5.42
C GLU A 213 2.11 -11.39 4.89
N LEU A 214 2.76 -10.27 5.18
CA LEU A 214 4.15 -10.12 4.78
C LEU A 214 5.02 -11.20 5.41
N LEU A 215 4.73 -11.56 6.66
CA LEU A 215 5.51 -12.59 7.35
C LEU A 215 5.26 -13.99 6.79
N VAL A 216 4.13 -14.19 6.12
CA VAL A 216 3.93 -15.44 5.39
C VAL A 216 4.88 -15.51 4.19
N VAL A 217 4.90 -14.45 3.38
CA VAL A 217 5.71 -14.47 2.16
C VAL A 217 7.18 -14.24 2.44
N ALA A 218 7.52 -13.57 3.54
CA ALA A 218 8.90 -13.30 3.92
C ALA A 218 9.10 -13.68 5.39
N PRO A 219 9.15 -14.97 5.70
CA PRO A 219 9.14 -15.40 7.10
C PRO A 219 10.39 -15.02 7.88
N GLU A 220 11.45 -14.57 7.22
CA GLU A 220 12.67 -14.20 7.92
C GLU A 220 12.63 -12.78 8.48
N LEU A 221 11.61 -11.98 8.15
CA LEU A 221 11.63 -10.56 8.48
C LEU A 221 11.25 -10.28 9.92
N THR A 222 11.76 -9.16 10.43
CA THR A 222 11.28 -8.52 11.64
C THR A 222 10.61 -7.22 11.24
N VAL A 223 9.36 -7.03 11.64
CA VAL A 223 8.61 -5.81 11.32
C VAL A 223 8.41 -5.05 12.62
N ILE A 224 8.85 -3.79 12.63
CA ILE A 224 8.72 -2.91 13.79
C ILE A 224 7.51 -2.03 13.58
N GLY A 225 6.47 -2.21 14.39
CA GLY A 225 5.32 -1.35 14.37
C GLY A 225 5.60 -0.10 15.17
N LEU A 226 6.08 0.95 14.48
CA LEU A 226 6.57 2.16 15.13
C LEU A 226 5.45 3.18 15.21
N PRO A 227 4.86 3.42 16.38
CA PRO A 227 3.70 4.32 16.46
C PRO A 227 4.09 5.76 16.22
N GLU A 228 3.09 6.58 15.92
CA GLU A 228 3.33 8.01 15.82
C GLU A 228 3.90 8.51 17.14
N GLY A 229 4.78 9.50 17.05
CA GLY A 229 5.47 10.03 18.20
C GLY A 229 6.76 9.34 18.55
N ASN A 230 7.07 8.21 17.91
CA ASN A 230 8.25 7.42 18.21
C ASN A 230 9.28 7.51 17.09
N TRP A 231 10.46 6.96 17.36
CA TRP A 231 11.57 7.00 16.42
C TRP A 231 12.55 5.89 16.78
N ILE A 232 13.50 5.66 15.87
CA ILE A 232 14.63 4.78 16.11
C ILE A 232 15.89 5.58 15.79
N GLN A 233 16.79 5.69 16.76
CA GLN A 233 18.03 6.43 16.58
C GLN A 233 19.18 5.44 16.61
N VAL A 234 19.92 5.36 15.51
CA VAL A 234 21.09 4.50 15.41
C VAL A 234 22.30 5.41 15.60
N SER A 235 23.02 5.22 16.71
CA SER A 235 24.14 6.09 17.03
C SER A 235 25.14 5.30 17.88
N ASN A 236 26.42 5.53 17.62
CA ASN A 236 27.49 4.89 18.38
C ASN A 236 27.30 3.37 18.40
N GLY A 237 26.85 2.83 17.27
CA GLY A 237 26.74 1.39 17.07
C GLY A 237 25.46 0.75 17.56
N GLN A 238 24.55 1.51 18.16
CA GLN A 238 23.34 0.95 18.76
C GLN A 238 22.10 1.55 18.11
N ALA A 239 21.11 0.70 17.85
CA ALA A 239 19.80 1.13 17.38
C ALA A 239 18.86 1.20 18.58
N VAL A 240 18.49 2.42 18.98
CA VAL A 240 17.78 2.67 20.23
C VAL A 240 16.38 3.18 19.90
N LEU A 241 15.38 2.56 20.53
CA LEU A 241 13.99 2.98 20.38
C LEU A 241 13.72 4.22 21.24
N GLY A 242 12.97 5.17 20.68
CA GLY A 242 12.65 6.39 21.37
C GLY A 242 11.19 6.77 21.17
N GLY A 243 10.69 7.58 22.10
CA GLY A 243 9.32 8.04 22.04
C GLY A 243 8.47 7.48 23.16
N PRO A 244 7.40 8.20 23.50
CA PRO A 244 6.62 7.84 24.70
C PRO A 244 5.65 6.68 24.53
N ASN A 245 5.35 6.27 23.30
CA ASN A 245 4.32 5.28 23.05
C ASN A 245 4.91 3.88 22.90
N THR A 246 4.03 2.89 23.01
CA THR A 246 4.44 1.49 22.92
C THR A 246 4.71 1.09 21.48
N THR A 247 5.84 0.41 21.27
CA THR A 247 6.21 -0.12 19.97
C THR A 247 5.95 -1.63 19.98
N TRP A 248 5.51 -2.15 18.84
CA TRP A 248 5.19 -3.57 18.70
C TRP A 248 6.05 -4.20 17.62
N VAL A 249 6.67 -5.34 17.95
CA VAL A 249 7.53 -6.07 17.02
C VAL A 249 6.81 -7.34 16.60
N PHE A 250 6.81 -7.61 15.29
CA PHE A 250 6.15 -8.77 14.72
C PHE A 250 7.19 -9.67 14.05
N LYS A 251 7.18 -10.95 14.40
CA LYS A 251 7.99 -11.97 13.75
C LYS A 251 7.10 -13.16 13.42
N ALA A 252 7.46 -13.90 12.38
CA ALA A 252 6.60 -14.98 11.91
C ALA A 252 6.35 -15.99 13.01
N GLY A 253 5.06 -16.29 13.24
CA GLY A 253 4.67 -17.30 14.21
C GLY A 253 4.80 -16.90 15.65
N GLU A 254 5.10 -15.65 15.95
CA GLU A 254 5.30 -15.18 17.31
C GLU A 254 4.29 -14.08 17.62
N GLU A 255 3.77 -14.09 18.85
CA GLU A 255 2.87 -13.03 19.27
C GLU A 255 3.60 -11.69 19.26
N ALA A 256 2.84 -10.62 19.02
CA ALA A 256 3.43 -9.29 18.99
C ALA A 256 4.10 -8.97 20.31
N VAL A 257 5.26 -8.33 20.24
CA VAL A 257 6.07 -8.01 21.41
C VAL A 257 6.00 -6.51 21.65
N ALA A 258 5.66 -6.12 22.88
CA ALA A 258 5.59 -4.72 23.27
C ALA A 258 6.98 -4.25 23.70
N LEU A 259 7.41 -3.11 23.15
CA LEU A 259 8.68 -2.51 23.51
C LEU A 259 8.43 -1.05 23.92
N GLU A 260 9.37 -0.50 24.70
CA GLU A 260 9.28 0.87 25.17
C GLU A 260 10.61 1.58 24.94
N ALA A 261 10.59 2.91 25.11
CA ALA A 261 11.77 3.72 24.87
C ALA A 261 12.98 3.18 25.63
N GLY A 262 14.13 3.23 24.97
CA GLY A 262 15.37 2.72 25.50
C GLY A 262 15.73 1.32 25.04
N HIS A 263 14.78 0.60 24.45
CA HIS A 263 15.06 -0.73 23.93
C HIS A 263 16.16 -0.67 22.87
N ARG A 264 17.10 -1.61 22.95
CA ARG A 264 18.16 -1.74 21.95
C ARG A 264 17.81 -2.91 21.04
N PHE A 265 17.70 -2.64 19.75
CA PHE A 265 17.42 -3.69 18.78
C PHE A 265 18.66 -4.55 18.58
N GLY B 36 -20.06 -4.33 -23.30
CA GLY B 36 -20.37 -5.71 -23.63
C GLY B 36 -19.85 -6.72 -22.62
N SER B 37 -19.39 -6.25 -21.47
CA SER B 37 -18.86 -7.12 -20.43
C SER B 37 -19.89 -7.36 -19.33
N GLU B 38 -19.76 -8.51 -18.67
CA GLU B 38 -20.60 -8.86 -17.52
C GLU B 38 -19.69 -8.94 -16.31
N LEU B 39 -19.78 -7.96 -15.42
CA LEU B 39 -18.93 -7.89 -14.24
C LEU B 39 -19.78 -7.69 -12.99
N LEU B 40 -19.36 -8.30 -11.89
CA LEU B 40 -19.86 -7.99 -10.55
C LEU B 40 -18.65 -7.68 -9.69
N LEU B 41 -18.49 -6.41 -9.31
CA LEU B 41 -17.32 -5.94 -8.57
C LEU B 41 -17.76 -5.48 -7.20
N LEU B 42 -17.45 -6.28 -6.18
CA LEU B 42 -17.89 -6.02 -4.81
C LEU B 42 -16.77 -5.36 -4.03
N SER B 43 -17.15 -4.44 -3.13
CA SER B 43 -16.15 -3.75 -2.31
C SER B 43 -15.53 -4.70 -1.30
N ASN B 44 -16.33 -5.62 -0.77
CA ASN B 44 -15.90 -6.46 0.35
C ASN B 44 -16.73 -7.73 0.35
N SER B 45 -16.27 -8.72 1.13
CA SER B 45 -16.87 -10.04 1.10
C SER B 45 -18.07 -10.17 2.03
N THR B 46 -18.05 -9.50 3.19
CA THR B 46 -18.96 -9.83 4.28
C THR B 46 -19.56 -8.58 4.90
N LEU B 47 -20.89 -8.51 4.90
CA LEU B 47 -21.56 -7.45 5.64
C LEU B 47 -21.54 -7.76 7.13
N PRO B 48 -21.58 -6.75 7.98
CA PRO B 48 -21.61 -7.01 9.43
C PRO B 48 -22.79 -7.88 9.81
N GLY B 49 -22.53 -8.93 10.58
CA GLY B 49 -23.58 -9.83 11.01
C GLY B 49 -24.16 -10.74 9.95
N LYS B 50 -23.52 -10.85 8.80
CA LYS B 50 -23.96 -11.71 7.72
C LYS B 50 -22.88 -12.73 7.41
N ALA B 51 -23.25 -13.74 6.64
CA ALA B 51 -22.27 -14.76 6.25
C ALA B 51 -21.38 -14.24 5.13
N TRP B 52 -20.23 -14.89 4.99
CA TRP B 52 -19.27 -14.56 3.95
C TRP B 52 -19.93 -14.66 2.58
N LEU B 53 -19.94 -13.55 1.84
CA LEU B 53 -20.52 -13.43 0.51
C LEU B 53 -22.04 -13.56 0.49
N GLU B 54 -22.69 -13.56 1.65
CA GLU B 54 -24.14 -13.73 1.67
C GLU B 54 -24.83 -12.68 0.82
N HIS B 55 -24.41 -11.41 0.91
CA HIS B 55 -25.06 -10.36 0.15
C HIS B 55 -24.78 -10.45 -1.34
N ALA B 56 -23.72 -11.15 -1.76
CA ALA B 56 -23.42 -11.27 -3.19
C ALA B 56 -24.30 -12.31 -3.88
N LEU B 57 -24.82 -13.27 -3.13
CA LEU B 57 -25.51 -14.40 -3.77
C LEU B 57 -26.67 -13.98 -4.65
N PRO B 58 -27.60 -13.12 -4.20
CA PRO B 58 -28.70 -12.71 -5.10
C PRO B 58 -28.22 -11.95 -6.32
N LEU B 59 -27.17 -11.14 -6.17
CA LEU B 59 -26.61 -10.43 -7.33
C LEU B 59 -26.03 -11.40 -8.33
N ILE B 60 -25.27 -12.39 -7.85
CA ILE B 60 -24.73 -13.42 -8.74
C ILE B 60 -25.87 -14.20 -9.39
N ALA B 61 -26.84 -14.61 -8.58
CA ALA B 61 -27.94 -15.42 -9.12
C ALA B 61 -28.65 -14.69 -10.26
N ASN B 62 -28.86 -13.39 -10.13
CA ASN B 62 -29.55 -12.62 -11.16
C ASN B 62 -28.71 -12.41 -12.40
N GLN B 63 -27.40 -12.53 -12.30
CA GLN B 63 -26.50 -12.29 -13.43
C GLN B 63 -25.97 -13.55 -14.08
N LEU B 64 -26.13 -14.72 -13.47
CA LEU B 64 -25.57 -15.94 -14.05
C LEU B 64 -26.10 -16.17 -15.46
N ASN B 65 -27.40 -15.99 -15.66
CA ASN B 65 -27.99 -16.14 -17.00
C ASN B 65 -27.71 -17.53 -17.55
N GLY B 66 -27.79 -18.54 -16.69
CA GLY B 66 -27.58 -19.92 -17.08
C GLY B 66 -26.16 -20.42 -16.97
N ARG B 67 -25.20 -19.56 -16.69
CA ARG B 67 -23.82 -20.01 -16.53
C ARG B 67 -23.68 -20.84 -15.27
N ARG B 68 -22.84 -21.87 -15.33
CA ARG B 68 -22.60 -22.70 -14.15
C ARG B 68 -21.13 -23.00 -13.92
N SER B 69 -20.32 -23.02 -14.97
CA SER B 69 -18.93 -23.48 -14.88
C SER B 69 -18.03 -22.29 -14.54
N ALA B 70 -17.39 -22.33 -13.36
CA ALA B 70 -16.56 -21.24 -12.88
C ALA B 70 -15.15 -21.71 -12.58
N VAL B 71 -14.18 -20.85 -12.88
CA VAL B 71 -12.80 -21.04 -12.44
C VAL B 71 -12.54 -19.99 -11.37
N PHE B 72 -11.91 -20.40 -10.27
CA PHE B 72 -11.64 -19.51 -9.16
C PHE B 72 -10.16 -19.15 -9.15
N ILE B 73 -9.88 -17.86 -9.03
CA ILE B 73 -8.51 -17.33 -8.97
C ILE B 73 -8.21 -17.02 -7.52
N PRO B 74 -7.44 -17.86 -6.83
CA PRO B 74 -7.27 -17.73 -5.37
C PRO B 74 -6.05 -16.93 -4.93
N PHE B 75 -5.29 -16.38 -5.88
CA PHE B 75 -3.92 -15.95 -5.59
C PHE B 75 -3.82 -14.76 -4.63
N ALA B 76 -4.91 -14.02 -4.40
CA ALA B 76 -4.85 -12.98 -3.38
C ALA B 76 -4.71 -13.56 -1.97
N GLY B 77 -5.12 -14.81 -1.77
CA GLY B 77 -5.08 -15.39 -0.43
C GLY B 77 -3.67 -15.64 0.04
N VAL B 78 -3.36 -15.20 1.26
CA VAL B 78 -2.04 -15.36 1.84
C VAL B 78 -2.07 -16.26 3.08
N THR B 79 -3.00 -15.99 4.00
CA THR B 79 -3.00 -16.64 5.31
C THR B 79 -3.71 -17.99 5.32
N GLN B 80 -4.47 -18.32 4.28
CA GLN B 80 -5.04 -19.65 4.14
C GLN B 80 -4.61 -20.25 2.80
N THR B 81 -4.65 -21.57 2.70
CA THR B 81 -4.22 -22.21 1.47
C THR B 81 -5.19 -21.92 0.34
N TRP B 82 -4.67 -21.94 -0.89
CA TRP B 82 -5.54 -21.75 -2.04
C TRP B 82 -6.56 -22.88 -2.15
N ASP B 83 -6.21 -24.09 -1.70
CA ASP B 83 -7.18 -25.18 -1.65
C ASP B 83 -8.34 -24.84 -0.72
N GLU B 84 -8.03 -24.37 0.49
CA GLU B 84 -9.08 -24.01 1.44
C GLU B 84 -9.93 -22.86 0.88
N TYR B 85 -9.27 -21.88 0.27
CA TYR B 85 -10.00 -20.74 -0.32
C TYR B 85 -10.94 -21.21 -1.40
N THR B 86 -10.47 -22.10 -2.27
CA THR B 86 -11.30 -22.65 -3.34
C THR B 86 -12.48 -23.43 -2.77
N ASP B 87 -12.21 -24.32 -1.81
CA ASP B 87 -13.29 -25.12 -1.22
C ASP B 87 -14.35 -24.23 -0.58
N LYS B 88 -13.92 -23.16 0.08
CA LYS B 88 -14.86 -22.22 0.68
C LYS B 88 -15.72 -21.55 -0.37
N THR B 89 -15.11 -21.11 -1.48
CA THR B 89 -15.88 -20.49 -2.56
C THR B 89 -16.83 -21.47 -3.20
N ALA B 90 -16.38 -22.71 -3.44
CA ALA B 90 -17.26 -23.72 -4.02
C ALA B 90 -18.48 -23.94 -3.14
N GLU B 91 -18.29 -23.97 -1.82
CA GLU B 91 -19.39 -24.25 -0.92
C GLU B 91 -20.44 -23.14 -0.94
N VAL B 92 -20.03 -21.88 -0.86
CA VAL B 92 -21.00 -20.79 -0.77
C VAL B 92 -21.77 -20.66 -2.08
N LEU B 93 -21.18 -21.03 -3.20
CA LEU B 93 -21.84 -20.89 -4.49
C LEU B 93 -22.60 -22.14 -4.93
N ALA B 94 -22.41 -23.26 -4.24
CA ALA B 94 -23.08 -24.49 -4.66
C ALA B 94 -24.61 -24.35 -4.72
N PRO B 95 -25.27 -23.71 -3.76
CA PRO B 95 -26.74 -23.59 -3.87
C PRO B 95 -27.19 -22.84 -5.09
N LEU B 96 -26.33 -22.05 -5.72
CA LEU B 96 -26.68 -21.36 -6.95
C LEU B 96 -26.53 -22.22 -8.19
N GLY B 97 -26.05 -23.46 -8.04
CA GLY B 97 -25.80 -24.32 -9.19
C GLY B 97 -24.45 -24.12 -9.84
N VAL B 98 -23.57 -23.35 -9.22
CA VAL B 98 -22.26 -23.04 -9.80
C VAL B 98 -21.26 -24.10 -9.38
N ASN B 99 -20.47 -24.57 -10.34
N ASN B 99 -20.49 -24.61 -10.35
CA ASN B 99 -19.38 -25.50 -10.09
CA ASN B 99 -19.38 -25.51 -10.04
C ASN B 99 -18.07 -24.74 -10.15
C ASN B 99 -18.08 -24.71 -10.12
N VAL B 100 -17.25 -24.87 -9.10
CA VAL B 100 -16.03 -24.08 -8.94
C VAL B 100 -14.82 -24.98 -9.10
N THR B 101 -13.86 -24.55 -9.91
CA THR B 101 -12.58 -25.23 -10.05
C THR B 101 -11.47 -24.25 -9.72
N GLY B 102 -10.54 -24.65 -8.86
CA GLY B 102 -9.44 -23.78 -8.52
C GLY B 102 -8.36 -23.78 -9.59
N ILE B 103 -8.01 -22.60 -10.10
CA ILE B 103 -7.10 -22.52 -11.25
C ILE B 103 -5.73 -23.08 -10.92
N HIS B 104 -5.34 -23.05 -9.65
CA HIS B 104 -4.03 -23.55 -9.24
C HIS B 104 -3.96 -25.08 -9.22
N ARG B 105 -5.10 -25.75 -9.32
N ARG B 105 -5.11 -25.76 -9.31
CA ARG B 105 -5.17 -27.21 -9.25
CA ARG B 105 -5.16 -27.21 -9.25
C ARG B 105 -5.31 -27.88 -10.60
C ARG B 105 -5.36 -27.88 -10.59
N VAL B 106 -5.64 -27.13 -11.65
CA VAL B 106 -5.85 -27.73 -12.96
C VAL B 106 -4.50 -27.89 -13.66
N ALA B 107 -4.43 -28.91 -14.51
CA ALA B 107 -3.19 -29.14 -15.26
C ALA B 107 -2.94 -28.02 -16.26
N ASP B 108 -4.01 -27.52 -16.89
CA ASP B 108 -3.92 -26.57 -17.99
C ASP B 108 -4.78 -25.37 -17.64
N PRO B 109 -4.20 -24.36 -16.95
CA PRO B 109 -5.01 -23.20 -16.55
C PRO B 109 -5.52 -22.40 -17.73
N LEU B 110 -4.77 -22.34 -18.83
CA LEU B 110 -5.24 -21.61 -20.01
C LEU B 110 -6.50 -22.25 -20.58
N ALA B 111 -6.51 -23.58 -20.70
CA ALA B 111 -7.71 -24.27 -21.18
C ALA B 111 -8.86 -24.12 -20.20
N ALA B 112 -8.57 -24.12 -18.89
CA ALA B 112 -9.64 -23.97 -17.91
C ALA B 112 -10.29 -22.60 -18.04
N ILE B 113 -9.49 -21.55 -18.21
CA ILE B 113 -10.04 -20.22 -18.42
C ILE B 113 -10.82 -20.16 -19.72
N GLU B 114 -10.28 -20.79 -20.77
CA GLU B 114 -10.96 -20.77 -22.07
C GLU B 114 -12.35 -21.38 -21.99
N LYS B 115 -12.49 -22.48 -21.24
CA LYS B 115 -13.77 -23.19 -21.15
C LYS B 115 -14.68 -22.66 -20.05
N ALA B 116 -14.18 -21.78 -19.18
CA ALA B 116 -14.98 -21.31 -18.07
C ALA B 116 -16.10 -20.40 -18.54
N GLU B 117 -17.26 -20.50 -17.90
CA GLU B 117 -18.32 -19.53 -18.08
C GLU B 117 -18.21 -18.37 -17.10
N ILE B 118 -17.57 -18.59 -15.96
CA ILE B 118 -17.47 -17.61 -14.89
C ILE B 118 -16.03 -17.56 -14.42
N ILE B 119 -15.51 -16.35 -14.23
CA ILE B 119 -14.19 -16.15 -13.64
C ILE B 119 -14.40 -15.43 -12.32
N ILE B 120 -13.96 -16.04 -11.22
CA ILE B 120 -14.19 -15.53 -9.89
C ILE B 120 -12.84 -15.23 -9.26
N VAL B 121 -12.66 -13.99 -8.79
CA VAL B 121 -11.37 -13.55 -8.25
C VAL B 121 -11.59 -13.11 -6.82
N GLY B 122 -10.99 -13.84 -5.87
CA GLY B 122 -11.24 -13.58 -4.47
C GLY B 122 -10.40 -12.45 -3.91
N GLY B 123 -10.84 -11.98 -2.75
CA GLY B 123 -10.11 -10.95 -2.03
C GLY B 123 -8.87 -11.50 -1.34
N GLY B 124 -8.06 -10.58 -0.86
CA GLY B 124 -6.78 -10.89 -0.23
C GLY B 124 -5.80 -9.76 -0.50
N ASN B 125 -4.54 -10.11 -0.66
CA ASN B 125 -3.53 -9.11 -0.98
C ASN B 125 -3.48 -8.89 -2.49
N THR B 126 -3.74 -7.66 -2.92
CA THR B 126 -3.82 -7.35 -4.34
C THR B 126 -2.49 -7.51 -5.05
N PHE B 127 -1.38 -7.20 -4.38
CA PHE B 127 -0.08 -7.36 -5.02
C PHE B 127 0.22 -8.83 -5.32
N GLN B 128 -0.05 -9.73 -4.37
CA GLN B 128 0.19 -11.14 -4.64
C GLN B 128 -0.74 -11.65 -5.73
N LEU B 129 -1.99 -11.20 -5.71
CA LEU B 129 -2.94 -11.60 -6.75
C LEU B 129 -2.42 -11.24 -8.14
N LEU B 130 -1.97 -9.99 -8.30
CA LEU B 130 -1.48 -9.53 -9.60
C LEU B 130 -0.19 -10.24 -9.99
N LYS B 131 0.71 -10.43 -9.01
CA LYS B 131 2.00 -11.04 -9.30
C LYS B 131 1.81 -12.47 -9.80
N GLU B 132 1.00 -13.26 -9.11
CA GLU B 132 0.76 -14.64 -9.54
C GLU B 132 0.06 -14.68 -10.89
N SER B 133 -0.95 -13.82 -11.07
CA SER B 133 -1.69 -13.81 -12.33
C SER B 133 -0.77 -13.46 -13.51
N ARG B 134 0.12 -12.49 -13.31
CA ARG B 134 1.05 -12.13 -14.38
C ARG B 134 2.10 -13.21 -14.61
N GLU B 135 2.72 -13.70 -13.53
CA GLU B 135 3.75 -14.72 -13.69
C GLU B 135 3.22 -15.96 -14.38
N ARG B 136 1.95 -16.31 -14.15
CA ARG B 136 1.35 -17.49 -14.75
C ARG B 136 0.79 -17.23 -16.14
N GLY B 137 0.91 -16.00 -16.65
CA GLY B 137 0.40 -15.69 -17.98
C GLY B 137 -1.12 -15.71 -18.09
N LEU B 138 -1.82 -15.39 -17.00
CA LEU B 138 -3.28 -15.49 -16.97
C LEU B 138 -4.00 -14.17 -17.24
N LEU B 139 -3.29 -13.04 -17.18
CA LEU B 139 -3.95 -11.73 -17.29
C LEU B 139 -4.67 -11.60 -18.62
N ALA B 140 -3.95 -11.72 -19.73
CA ALA B 140 -4.56 -11.58 -21.04
C ALA B 140 -5.65 -12.63 -21.27
N PRO B 141 -5.44 -13.90 -20.96
CA PRO B 141 -6.53 -14.88 -21.16
C PRO B 141 -7.77 -14.55 -20.37
N MET B 142 -7.63 -14.11 -19.12
CA MET B 142 -8.82 -13.78 -18.32
C MET B 142 -9.56 -12.61 -18.94
N ALA B 143 -8.85 -11.55 -19.29
CA ALA B 143 -9.50 -10.39 -19.89
C ALA B 143 -10.18 -10.76 -21.20
N ASP B 144 -9.50 -11.54 -22.04
CA ASP B 144 -10.09 -11.94 -23.31
C ASP B 144 -11.32 -12.81 -23.11
N ARG B 145 -11.26 -13.73 -22.13
CA ARG B 145 -12.40 -14.60 -21.88
C ARG B 145 -13.62 -13.80 -21.44
N VAL B 146 -13.41 -12.79 -20.58
CA VAL B 146 -14.50 -11.93 -20.14
C VAL B 146 -15.05 -11.11 -21.29
N LYS B 147 -14.16 -10.53 -22.10
CA LYS B 147 -14.60 -9.76 -23.26
C LYS B 147 -15.39 -10.60 -24.23
N ARG B 148 -15.20 -11.93 -24.22
CA ARG B 148 -15.95 -12.83 -25.07
C ARG B 148 -17.20 -13.40 -24.39
N GLY B 149 -17.63 -12.82 -23.28
CA GLY B 149 -18.93 -13.12 -22.69
C GLY B 149 -18.91 -13.83 -21.34
N ALA B 150 -17.76 -14.20 -20.80
CA ALA B 150 -17.75 -14.84 -19.50
C ALA B 150 -18.11 -13.83 -18.41
N LEU B 151 -18.78 -14.31 -17.37
CA LEU B 151 -19.09 -13.47 -16.21
C LEU B 151 -17.87 -13.38 -15.28
N TYR B 152 -17.53 -12.16 -14.89
CA TYR B 152 -16.43 -11.90 -13.96
C TYR B 152 -17.01 -11.48 -12.61
N ILE B 153 -16.65 -12.18 -11.56
CA ILE B 153 -17.04 -11.85 -10.19
C ILE B 153 -15.76 -11.61 -9.41
N GLY B 154 -15.63 -10.42 -8.83
CA GLY B 154 -14.49 -10.17 -7.97
C GLY B 154 -14.87 -9.32 -6.78
N TRP B 155 -14.31 -9.61 -5.61
CA TRP B 155 -14.53 -8.78 -4.44
C TRP B 155 -13.21 -8.29 -3.88
N SER B 156 -13.23 -7.01 -3.46
CA SER B 156 -12.06 -6.37 -2.86
C SER B 156 -10.87 -6.45 -3.80
N ALA B 157 -9.84 -7.23 -3.45
CA ALA B 157 -8.71 -7.37 -4.35
C ALA B 157 -9.16 -7.79 -5.75
N GLY B 158 -10.20 -8.63 -5.83
CA GLY B 158 -10.74 -9.03 -7.11
C GLY B 158 -11.39 -7.89 -7.87
N ALA B 159 -11.93 -6.91 -7.15
CA ALA B 159 -12.42 -5.69 -7.80
C ALA B 159 -11.26 -4.83 -8.30
N ASN B 160 -10.21 -4.71 -7.49
CA ASN B 160 -9.02 -3.97 -7.92
C ASN B 160 -8.51 -4.51 -9.25
N LEU B 161 -8.42 -5.84 -9.36
CA LEU B 161 -7.82 -6.46 -10.53
C LEU B 161 -8.59 -6.16 -11.81
N ALA B 162 -9.90 -5.92 -11.70
CA ALA B 162 -10.72 -5.62 -12.87
C ALA B 162 -10.41 -4.25 -13.46
N CYS B 163 -9.83 -3.35 -12.69
CA CYS B 163 -9.58 -1.99 -13.14
C CYS B 163 -8.35 -1.96 -14.06
N PRO B 164 -8.04 -0.79 -14.64
CA PRO B 164 -6.86 -0.71 -15.52
C PRO B 164 -5.56 -0.95 -14.79
N THR B 165 -5.47 -0.55 -13.51
CA THR B 165 -4.30 -0.76 -12.69
C THR B 165 -4.76 -1.03 -11.27
N ILE B 166 -3.82 -1.45 -10.42
CA ILE B 166 -4.10 -1.64 -9.00
C ILE B 166 -3.68 -0.42 -8.18
N ARG B 167 -3.56 0.74 -8.82
CA ARG B 167 -3.02 1.91 -8.15
C ARG B 167 -3.90 2.43 -7.02
N THR B 168 -5.14 1.96 -6.88
CA THR B 168 -6.00 2.39 -5.78
C THR B 168 -6.27 1.27 -4.78
N THR B 169 -5.44 0.23 -4.76
CA THR B 169 -5.55 -0.74 -3.67
C THR B 169 -5.11 -0.10 -2.36
N ASN B 170 -5.67 -0.60 -1.26
CA ASN B 170 -5.25 -0.21 0.07
C ASN B 170 -4.23 -1.16 0.65
N ASP B 171 -3.77 -2.13 -0.14
CA ASP B 171 -2.96 -3.21 0.42
C ASP B 171 -1.50 -2.81 0.55
N MET B 172 -0.81 -3.54 1.40
CA MET B 172 0.62 -3.38 1.65
C MET B 172 1.42 -4.10 0.57
N PRO B 173 2.49 -3.48 0.06
CA PRO B 173 3.24 -4.06 -1.08
C PRO B 173 4.17 -5.19 -0.67
N ILE B 174 3.58 -6.33 -0.28
CA ILE B 174 4.37 -7.42 0.28
C ILE B 174 5.15 -8.19 -0.78
N VAL B 175 4.73 -8.14 -2.05
CA VAL B 175 5.49 -8.70 -3.16
C VAL B 175 5.39 -7.73 -4.33
N ASP B 176 6.40 -7.77 -5.20
CA ASP B 176 6.45 -6.89 -6.36
C ASP B 176 5.77 -7.56 -7.54
N PRO B 177 4.67 -7.01 -8.05
CA PRO B 177 3.94 -7.68 -9.14
C PRO B 177 4.53 -7.45 -10.53
N ASN B 178 5.65 -6.74 -10.63
CA ASN B 178 6.29 -6.48 -11.91
C ASN B 178 5.33 -5.73 -12.85
N GLY B 179 4.86 -4.59 -12.37
CA GLY B 179 3.92 -3.74 -13.06
C GLY B 179 2.59 -3.69 -12.33
N PHE B 180 1.94 -2.52 -12.38
CA PHE B 180 0.66 -2.32 -11.73
C PHE B 180 -0.51 -2.41 -12.69
N ASP B 181 -0.26 -2.58 -13.98
N ASP B 181 -0.26 -2.58 -13.98
CA ASP B 181 -1.35 -2.77 -14.93
CA ASP B 181 -1.35 -2.79 -14.93
C ASP B 181 -2.12 -4.05 -14.61
C ASP B 181 -2.11 -4.05 -14.58
N ALA B 182 -3.43 -4.01 -14.80
CA ALA B 182 -4.28 -5.15 -14.43
C ALA B 182 -5.13 -5.61 -15.61
N LEU B 183 -6.35 -6.08 -15.33
CA LEU B 183 -7.17 -6.69 -16.37
C LEU B 183 -7.81 -5.65 -17.31
N ASP B 184 -8.04 -4.43 -16.83
CA ASP B 184 -8.60 -3.36 -17.67
C ASP B 184 -10.00 -3.73 -18.19
N LEU B 185 -10.78 -4.47 -17.39
CA LEU B 185 -12.15 -4.80 -17.75
C LEU B 185 -13.12 -3.68 -17.38
N PHE B 186 -12.79 -2.91 -16.34
CA PHE B 186 -13.56 -1.76 -15.88
C PHE B 186 -12.71 -0.50 -16.03
N PRO B 187 -13.22 0.56 -16.68
CA PRO B 187 -12.35 1.69 -17.07
C PRO B 187 -11.95 2.63 -15.94
N LEU B 188 -12.68 2.65 -14.82
CA LEU B 188 -12.36 3.57 -13.75
C LEU B 188 -11.58 2.85 -12.65
N GLN B 189 -10.92 3.65 -11.80
CA GLN B 189 -10.18 3.08 -10.67
C GLN B 189 -11.09 2.96 -9.46
N ILE B 190 -11.17 1.76 -8.90
CA ILE B 190 -11.97 1.51 -7.72
C ILE B 190 -11.06 1.49 -6.50
N ASN B 191 -11.41 2.27 -5.47
CA ASN B 191 -10.78 2.17 -4.17
C ASN B 191 -11.75 1.44 -3.25
N PRO B 192 -11.56 0.15 -2.98
CA PRO B 192 -12.52 -0.59 -2.17
C PRO B 192 -12.36 -0.29 -0.70
N HIS B 193 -13.29 -0.84 0.11
CA HIS B 193 -13.31 -0.60 1.55
C HIS B 193 -13.25 0.89 1.87
N PHE B 194 -13.91 1.71 1.06
CA PHE B 194 -13.67 3.13 1.18
C PHE B 194 -14.23 3.69 2.48
N THR B 195 -13.38 4.41 3.21
CA THR B 195 -13.80 5.26 4.31
C THR B 195 -12.75 6.33 4.48
N ASN B 196 -13.18 7.55 4.80
CA ASN B 196 -12.24 8.61 5.09
C ASN B 196 -11.97 8.74 6.58
N ALA B 197 -12.59 7.89 7.40
CA ALA B 197 -12.40 7.96 8.84
C ALA B 197 -11.01 7.47 9.23
N LEU B 198 -10.51 7.99 10.34
CA LEU B 198 -9.23 7.60 10.91
C LEU B 198 -9.41 7.33 12.39
N PRO B 199 -8.54 6.53 12.99
CA PRO B 199 -8.55 6.38 14.45
C PRO B 199 -8.32 7.72 15.13
N GLU B 200 -8.90 7.86 16.33
CA GLU B 200 -8.81 9.12 17.07
C GLU B 200 -7.37 9.60 17.16
N GLY B 201 -7.14 10.84 16.73
CA GLY B 201 -5.84 11.48 16.83
C GLY B 201 -4.80 11.05 15.82
N HIS B 202 -5.15 10.21 14.85
CA HIS B 202 -4.16 9.77 13.88
C HIS B 202 -3.74 10.92 12.96
N LYS B 203 -2.44 11.02 12.72
CA LYS B 203 -1.89 12.07 11.86
C LYS B 203 -1.49 11.56 10.48
N GLY B 204 -1.74 10.29 10.18
CA GLY B 204 -1.45 9.78 8.86
C GLY B 204 -2.42 10.32 7.82
N GLU B 205 -2.12 10.04 6.56
CA GLU B 205 -2.95 10.54 5.48
C GLU B 205 -4.36 9.97 5.58
N THR B 206 -5.35 10.79 5.26
CA THR B 206 -6.69 10.26 5.06
C THR B 206 -6.74 9.51 3.74
N ARG B 207 -7.78 8.68 3.58
CA ARG B 207 -7.94 7.98 2.31
C ARG B 207 -8.08 8.98 1.16
N GLU B 208 -8.85 10.05 1.35
CA GLU B 208 -8.99 11.04 0.29
C GLU B 208 -7.65 11.70 -0.02
N GLN B 209 -6.83 11.94 1.02
CA GLN B 209 -5.50 12.52 0.76
C GLN B 209 -4.65 11.57 -0.08
N ARG B 210 -4.71 10.26 0.21
CA ARG B 210 -3.98 9.33 -0.62
C ARG B 210 -4.48 9.35 -2.05
N ILE B 211 -5.80 9.43 -2.22
CA ILE B 211 -6.37 9.45 -3.56
C ILE B 211 -6.00 10.74 -4.28
N ARG B 212 -6.01 11.87 -3.57
CA ARG B 212 -5.64 13.13 -4.20
C ARG B 212 -4.21 13.10 -4.70
N GLU B 213 -3.32 12.38 -4.01
CA GLU B 213 -1.95 12.25 -4.51
C GLU B 213 -1.92 11.51 -5.84
N LEU B 214 -2.71 10.44 -5.96
CA LEU B 214 -2.80 9.75 -7.24
C LEU B 214 -3.28 10.69 -8.34
N LEU B 215 -4.24 11.57 -8.01
CA LEU B 215 -4.77 12.49 -9.01
C LEU B 215 -3.76 13.56 -9.41
N VAL B 216 -2.75 13.82 -8.59
CA VAL B 216 -1.64 14.67 -9.02
C VAL B 216 -0.83 13.97 -10.11
N VAL B 217 -0.40 12.74 -9.85
CA VAL B 217 0.48 12.05 -10.79
C VAL B 217 -0.29 11.52 -12.00
N ALA B 218 -1.58 11.23 -11.85
CA ALA B 218 -2.40 10.72 -12.95
C ALA B 218 -3.68 11.54 -13.04
N PRO B 219 -3.58 12.79 -13.51
CA PRO B 219 -4.72 13.71 -13.41
C PRO B 219 -5.92 13.33 -14.26
N GLU B 220 -5.78 12.40 -15.20
CA GLU B 220 -6.91 12.02 -16.05
C GLU B 220 -7.84 11.01 -15.39
N LEU B 221 -7.47 10.47 -14.23
CA LEU B 221 -8.20 9.35 -13.65
C LEU B 221 -9.47 9.78 -12.93
N THR B 222 -10.44 8.87 -12.90
CA THR B 222 -11.59 8.95 -12.00
C THR B 222 -11.43 7.85 -10.97
N VAL B 223 -11.51 8.21 -9.69
CA VAL B 223 -11.38 7.24 -8.60
C VAL B 223 -12.73 7.13 -7.91
N ILE B 224 -13.23 5.90 -7.83
CA ILE B 224 -14.50 5.59 -7.19
C ILE B 224 -14.19 5.08 -5.79
N GLY B 225 -14.57 5.85 -4.77
CA GLY B 225 -14.43 5.40 -3.41
C GLY B 225 -15.61 4.51 -3.03
N LEU B 226 -15.43 3.21 -3.19
CA LEU B 226 -16.53 2.26 -3.04
C LEU B 226 -16.58 1.74 -1.61
N PRO B 227 -17.53 2.19 -0.78
CA PRO B 227 -17.51 1.78 0.62
C PRO B 227 -17.87 0.31 0.79
N GLU B 228 -17.56 -0.21 1.97
CA GLU B 228 -17.97 -1.56 2.29
C GLU B 228 -19.49 -1.66 2.21
N GLY B 229 -19.97 -2.82 1.77
CA GLY B 229 -21.38 -3.04 1.55
C GLY B 229 -21.88 -2.69 0.16
N ASN B 230 -21.05 -2.05 -0.67
CA ASN B 230 -21.47 -1.60 -1.99
C ASN B 230 -20.80 -2.43 -3.08
N TRP B 231 -21.26 -2.22 -4.31
CA TRP B 231 -20.76 -2.97 -5.45
C TRP B 231 -21.05 -2.18 -6.71
N ILE B 232 -20.44 -2.63 -7.80
CA ILE B 232 -20.74 -2.13 -9.14
C ILE B 232 -21.04 -3.33 -10.01
N GLN B 233 -22.22 -3.35 -10.63
CA GLN B 233 -22.63 -4.45 -11.48
C GLN B 233 -22.70 -3.95 -12.92
N VAL B 234 -21.87 -4.51 -13.77
CA VAL B 234 -21.84 -4.16 -15.19
C VAL B 234 -22.58 -5.28 -15.92
N SER B 235 -23.73 -4.95 -16.50
CA SER B 235 -24.55 -5.97 -17.15
C SER B 235 -25.36 -5.33 -18.26
N ASN B 236 -25.44 -6.02 -19.40
CA ASN B 236 -26.27 -5.61 -20.52
C ASN B 236 -26.04 -4.14 -20.89
N GLY B 237 -24.77 -3.72 -20.88
CA GLY B 237 -24.41 -2.40 -21.33
C GLY B 237 -24.46 -1.28 -20.30
N GLN B 238 -24.79 -1.57 -19.05
CA GLN B 238 -24.86 -0.56 -18.02
C GLN B 238 -23.97 -0.93 -16.83
N ALA B 239 -23.24 0.04 -16.30
CA ALA B 239 -22.49 -0.09 -15.06
C ALA B 239 -23.33 0.55 -13.97
N VAL B 240 -23.86 -0.26 -13.05
CA VAL B 240 -24.84 0.20 -12.06
C VAL B 240 -24.21 0.13 -10.66
N LEU B 241 -24.29 1.24 -9.94
CA LEU B 241 -23.86 1.29 -8.56
C LEU B 241 -24.91 0.64 -7.66
N GLY B 242 -24.45 -0.15 -6.70
CA GLY B 242 -25.35 -0.83 -5.78
C GLY B 242 -24.81 -0.82 -4.36
N GLY B 243 -25.73 -1.00 -3.42
CA GLY B 243 -25.36 -1.03 -2.02
C GLY B 243 -25.94 0.16 -1.28
N PRO B 244 -26.13 0.03 0.04
CA PRO B 244 -26.88 1.05 0.78
C PRO B 244 -26.08 2.29 1.15
N ASN B 245 -24.75 2.26 1.07
CA ASN B 245 -23.92 3.34 1.57
C ASN B 245 -23.52 4.32 0.47
N THR B 246 -23.06 5.49 0.90
CA THR B 246 -22.70 6.55 -0.04
C THR B 246 -21.35 6.24 -0.70
N THR B 247 -21.32 6.38 -2.03
CA THR B 247 -20.11 6.22 -2.82
C THR B 247 -19.57 7.60 -3.18
N TRP B 248 -18.25 7.73 -3.22
CA TRP B 248 -17.62 9.02 -3.51
C TRP B 248 -16.74 8.93 -4.75
N VAL B 249 -16.89 9.90 -5.64
CA VAL B 249 -16.12 9.97 -6.88
C VAL B 249 -15.11 11.11 -6.74
N PHE B 250 -13.85 10.83 -7.06
CA PHE B 250 -12.78 11.80 -6.97
C PHE B 250 -12.19 12.04 -8.35
N LYS B 251 -12.12 13.31 -8.74
CA LYS B 251 -11.47 13.74 -9.97
C LYS B 251 -10.54 14.90 -9.64
N ALA B 252 -9.50 15.05 -10.46
CA ALA B 252 -8.48 16.07 -10.20
C ALA B 252 -9.10 17.46 -10.14
N GLY B 253 -8.83 18.18 -9.06
CA GLY B 253 -9.29 19.55 -8.93
C GLY B 253 -10.77 19.71 -8.63
N GLU B 254 -11.50 18.63 -8.38
CA GLU B 254 -12.93 18.70 -8.14
C GLU B 254 -13.26 18.17 -6.74
N GLU B 255 -14.22 18.80 -6.08
CA GLU B 255 -14.68 18.30 -4.80
C GLU B 255 -15.27 16.90 -4.98
N ALA B 256 -15.16 16.08 -3.93
CA ALA B 256 -15.71 14.74 -3.98
C ALA B 256 -17.20 14.79 -4.23
N VAL B 257 -17.70 13.89 -5.08
CA VAL B 257 -19.11 13.83 -5.46
C VAL B 257 -19.73 12.59 -4.82
N ALA B 258 -20.84 12.79 -4.12
CA ALA B 258 -21.54 11.69 -3.48
C ALA B 258 -22.50 11.04 -4.46
N LEU B 259 -22.48 9.70 -4.50
CA LEU B 259 -23.39 8.92 -5.33
C LEU B 259 -24.14 7.94 -4.44
N GLU B 260 -25.29 7.48 -4.92
CA GLU B 260 -26.10 6.50 -4.20
C GLU B 260 -26.50 5.38 -5.15
N ALA B 261 -27.00 4.30 -4.56
CA ALA B 261 -27.37 3.13 -5.34
C ALA B 261 -28.29 3.52 -6.50
N GLY B 262 -28.09 2.87 -7.65
CA GLY B 262 -28.84 3.16 -8.84
C GLY B 262 -28.14 4.06 -9.83
N HIS B 263 -27.06 4.73 -9.42
CA HIS B 263 -26.30 5.54 -10.35
C HIS B 263 -25.79 4.67 -11.49
N ARG B 264 -25.92 5.18 -12.71
CA ARG B 264 -25.40 4.52 -13.91
C ARG B 264 -24.13 5.25 -14.32
N PHE B 265 -23.01 4.54 -14.37
CA PHE B 265 -21.75 5.16 -14.79
C PHE B 265 -21.74 5.37 -16.29
N ASP C . 3.03 8.11 3.88
CA ASP C . 3.67 8.07 5.19
C ASP C . 4.38 9.41 5.45
O ASP C . 5.38 9.74 4.79
CB ASP C . 4.67 6.90 5.31
CG ASP C . 3.99 5.55 5.62
OD1 ASP C . 3.03 5.54 6.40
OD2 ASP C . 4.40 4.51 5.06
OXT ASP C . 3.98 10.19 6.31
H1 ASP C . 3.10 8.87 3.49
H2 ASP C . 3.61 7.72 3.23
H3 ASP C . 2.21 7.62 3.91
HA ASP C . 2.99 7.96 5.88
HB2 ASP C . 5.30 7.08 6.02
HB3 ASP C . 5.14 6.81 4.46
N ASP D . -7.02 -6.12 0.59
CA ASP D . -8.39 -5.76 0.25
C ASP D . -9.22 -7.03 0.17
O ASP D . -9.05 -7.85 -0.75
CB ASP D . -8.46 -4.97 -1.07
CG ASP D . -8.08 -3.49 -0.90
OD1 ASP D . -7.39 -2.94 -1.78
OD2 ASP D . -8.46 -2.88 0.10
OXT ASP D . -10.09 -7.28 1.01
#